data_5K00
#
_entry.id   5K00
#
_cell.length_a   57.471
_cell.length_b   67.403
_cell.length_c   104.625
_cell.angle_alpha   90.000
_cell.angle_beta   90.000
_cell.angle_gamma   90.000
#
_symmetry.space_group_name_H-M   'P 21 21 21'
#
loop_
_entity.id
_entity.type
_entity.pdbx_description
1 polymer 'Maternal embryonic leucine zipper kinase'
2 non-polymer 4-{2-[(3-methoxyphenyl)amino]-4-[(piperidin-4-yl)methoxy]pyrimidin-5-yl}-N-[2-oxo-2-(phenylamino)ethyl]benzamide
3 water water
#
_entity_poly.entity_id   1
_entity_poly.type   'polypeptide(L)'
_entity_poly.pdbx_seq_one_letter_code
;MDYDELLKYYELHETIGTGGFAKVKLACHILTGEMVAIKIMDKNTLGSDLPRIKTEIEALKNLRHQHICQLYHVLETANK
IFMVLEYCPGGELFDYIISQDRLSEEETRVVFRQIVSAVAYVHSQGYAHRDLKPENLLFDEYHKLKLIDFGLCAKPKGNK
DYHLQTCCGSLAYAAPELIQGKSYLGSEADVWSMGILLYVLMCGFLPFDDDNVMALYKKIMRGKYDVPKWLSPSSILLLQ
QMLQVDPKKRISMKNLLNHPWIMQDYNYPVEWQSKNPFIHLDDDCVTELSVHHRNNRQTMEDLISLWQYDHLTATYLLLL
AKKARGKPVHHHHHH
;
_entity_poly.pdbx_strand_id   A
#
loop_
_chem_comp.id
_chem_comp.type
_chem_comp.name
_chem_comp.formula
6PV non-polymer 4-{2-[(3-methoxyphenyl)amino]-4-[(piperidin-4-yl)methoxy]pyrimidin-5-yl}-N-[2-oxo-2-(phenylamino)ethyl]benzamide 'C32 H34 N6 O4'
#
# COMPACT_ATOMS: atom_id res chain seq x y z
N MET A 1 9.28 21.58 20.71
CA MET A 1 8.44 22.37 19.83
C MET A 1 7.73 21.55 18.74
N ASP A 2 8.48 20.68 18.03
CA ASP A 2 7.93 19.90 16.93
C ASP A 2 7.02 18.74 17.39
N TYR A 3 7.29 18.14 18.57
CA TYR A 3 6.46 17.00 19.02
C TYR A 3 5.36 17.40 20.00
N ASP A 4 5.33 18.66 20.44
CA ASP A 4 4.35 19.14 21.42
C ASP A 4 2.90 18.83 21.09
N GLU A 5 2.41 19.22 19.90
CA GLU A 5 1.01 19.00 19.55
C GLU A 5 0.69 17.51 19.41
N LEU A 6 1.61 16.72 18.82
CA LEU A 6 1.46 15.28 18.63
C LEU A 6 1.28 14.54 19.95
N LEU A 7 2.06 14.94 20.97
CA LEU A 7 2.02 14.33 22.31
C LEU A 7 0.72 14.59 23.07
N LYS A 8 -0.17 15.46 22.55
CA LYS A 8 -1.49 15.69 23.17
C LYS A 8 -2.38 14.47 22.85
N TYR A 9 -2.09 13.79 21.72
CA TYR A 9 -2.93 12.70 21.21
C TYR A 9 -2.32 11.30 21.22
N TYR A 10 -0.98 11.21 21.16
CA TYR A 10 -0.26 9.93 21.05
C TYR A 10 0.84 9.78 22.08
N GLU A 11 1.08 8.54 22.52
CA GLU A 11 2.19 8.18 23.41
C GLU A 11 3.19 7.55 22.47
N LEU A 12 4.39 8.12 22.39
CA LEU A 12 5.36 7.61 21.41
C LEU A 12 6.17 6.45 21.93
N HIS A 13 6.37 5.46 21.06
CA HIS A 13 7.18 4.30 21.34
C HIS A 13 8.41 4.42 20.41
N GLU A 14 9.11 3.33 20.13
CA GLU A 14 10.35 3.34 19.37
C GLU A 14 10.18 3.56 17.87
N THR A 15 11.29 3.99 17.22
CA THR A 15 11.38 4.15 15.78
C THR A 15 11.28 2.73 15.19
N ILE A 16 10.48 2.57 14.14
CA ILE A 16 10.30 1.33 13.40
C ILE A 16 11.39 1.36 12.32
N GLY A 17 11.26 2.33 11.39
CA GLY A 17 12.18 2.48 10.27
C GLY A 17 12.49 3.90 9.85
N THR A 18 13.41 4.03 8.87
CA THR A 18 13.91 5.29 8.31
C THR A 18 14.10 5.16 6.78
N GLY A 19 13.83 6.24 6.05
CA GLY A 19 13.96 6.31 4.60
C GLY A 19 14.99 7.32 4.15
N ALA A 22 12.22 9.91 5.53
CA ALA A 22 11.24 9.93 6.61
C ALA A 22 11.51 8.88 7.70
N LYS A 23 11.29 9.26 8.96
CA LYS A 23 11.41 8.36 10.11
C LYS A 23 9.98 7.87 10.40
N VAL A 24 9.82 6.63 10.88
CA VAL A 24 8.51 6.06 11.26
C VAL A 24 8.62 5.61 12.70
N LYS A 25 7.69 6.05 13.57
CA LYS A 25 7.70 5.63 14.97
C LYS A 25 6.45 4.85 15.29
N LEU A 26 6.56 3.87 16.20
CA LEU A 26 5.38 3.19 16.70
C LEU A 26 4.82 4.13 17.78
N ALA A 27 3.50 4.22 17.88
CA ALA A 27 2.85 5.08 18.89
C ALA A 27 1.52 4.50 19.30
N CYS A 28 0.95 5.02 20.37
CA CYS A 28 -0.34 4.54 20.84
C CYS A 28 -1.27 5.75 20.87
N HIS A 29 -2.45 5.64 20.27
CA HIS A 29 -3.44 6.72 20.31
C HIS A 29 -4.01 6.69 21.73
N ILE A 30 -3.81 7.77 22.51
CA ILE A 30 -4.21 7.83 23.92
C ILE A 30 -5.67 7.47 24.17
N LEU A 31 -6.60 8.12 23.45
CA LEU A 31 -8.03 7.94 23.72
C LEU A 31 -8.54 6.49 23.49
N THR A 32 -8.11 5.83 22.40
CA THR A 32 -8.56 4.47 22.09
C THR A 32 -7.65 3.35 22.58
N GLY A 33 -6.37 3.65 22.75
CA GLY A 33 -5.36 2.65 23.09
C GLY A 33 -4.86 1.91 21.84
N GLU A 34 -5.31 2.30 20.64
CA GLU A 34 -4.90 1.65 19.39
C GLU A 34 -3.47 2.01 18.99
N MET A 35 -2.71 1.02 18.51
CA MET A 35 -1.34 1.25 18.04
C MET A 35 -1.38 1.85 16.65
N VAL A 36 -0.47 2.78 16.35
CA VAL A 36 -0.41 3.46 15.05
C VAL A 36 1.05 3.59 14.64
N ALA A 37 1.29 3.86 13.37
CA ALA A 37 2.64 4.14 12.89
C ALA A 37 2.64 5.60 12.51
N ILE A 38 3.62 6.36 13.00
CA ILE A 38 3.67 7.79 12.66
C ILE A 38 4.85 8.07 11.77
N LYS A 39 4.58 8.57 10.56
CA LYS A 39 5.61 8.96 9.60
C LYS A 39 5.95 10.41 9.86
N ILE A 40 7.23 10.68 10.10
CA ILE A 40 7.71 12.03 10.45
C ILE A 40 8.56 12.56 9.31
N MET A 41 8.18 13.72 8.77
CA MET A 41 8.89 14.34 7.66
C MET A 41 9.35 15.74 8.03
N ASP A 42 10.61 16.05 7.78
CA ASP A 42 11.19 17.36 8.06
C ASP A 42 10.98 18.28 6.84
N LYS A 43 10.26 19.39 7.01
CA LYS A 43 9.93 20.30 5.90
C LYS A 43 11.17 20.94 5.23
N ASN A 44 12.20 21.28 6.03
CA ASN A 44 13.45 21.85 5.55
C ASN A 44 14.27 20.83 4.75
N THR A 45 14.33 19.57 5.24
CA THR A 45 15.04 18.45 4.58
C THR A 45 14.40 18.15 3.22
N LEU A 46 13.06 18.16 3.14
CA LEU A 46 12.31 17.91 1.91
C LEU A 46 12.59 18.95 0.84
N GLY A 47 12.61 20.23 1.25
CA GLY A 47 12.87 21.37 0.37
C GLY A 47 11.96 21.46 -0.83
N SER A 48 12.55 21.33 -2.03
CA SER A 48 11.82 21.38 -3.31
C SER A 48 10.82 20.22 -3.49
N ASP A 49 11.00 19.11 -2.75
CA ASP A 49 10.12 17.94 -2.78
C ASP A 49 8.82 18.12 -1.95
N LEU A 50 8.72 19.19 -1.11
CA LEU A 50 7.55 19.43 -0.24
C LEU A 50 6.17 19.43 -0.97
N PRO A 51 5.96 20.09 -2.16
CA PRO A 51 4.64 20.01 -2.81
C PRO A 51 4.21 18.60 -3.20
N ARG A 52 5.19 17.69 -3.39
CA ARG A 52 4.98 16.28 -3.75
C ARG A 52 4.43 15.49 -2.56
N ILE A 53 4.82 15.87 -1.32
CA ILE A 53 4.33 15.27 -0.08
C ILE A 53 2.86 15.60 0.07
N LYS A 54 2.49 16.87 -0.23
CA LYS A 54 1.11 17.35 -0.20
C LYS A 54 0.26 16.58 -1.20
N THR A 55 0.85 16.17 -2.36
CA THR A 55 0.19 15.37 -3.39
C THR A 55 -0.09 13.94 -2.91
N GLU A 56 0.90 13.26 -2.30
CA GLU A 56 0.74 11.93 -1.70
C GLU A 56 -0.38 11.94 -0.68
N ILE A 57 -0.35 12.95 0.22
CA ILE A 57 -1.35 13.09 1.27
C ILE A 57 -2.74 13.22 0.69
N GLU A 58 -2.92 14.09 -0.31
CA GLU A 58 -4.22 14.25 -0.92
C GLU A 58 -4.70 12.95 -1.60
N ALA A 59 -3.78 12.16 -2.19
CA ALA A 59 -4.13 10.87 -2.80
C ALA A 59 -4.60 9.86 -1.72
N LEU A 60 -3.82 9.70 -0.63
CA LEU A 60 -4.19 8.79 0.46
C LEU A 60 -5.51 9.14 1.04
N LYS A 61 -5.82 10.45 1.16
CA LYS A 61 -7.09 10.89 1.70
C LYS A 61 -8.25 10.41 0.87
N ASN A 62 -8.00 10.11 -0.43
CA ASN A 62 -8.98 9.66 -1.43
C ASN A 62 -8.98 8.16 -1.61
N LEU A 63 -8.13 7.47 -0.86
CA LEU A 63 -8.01 6.03 -0.89
C LEU A 63 -8.45 5.51 0.48
N ARG A 64 -9.44 4.65 0.48
CA ARG A 64 -9.88 4.02 1.73
C ARG A 64 -10.28 2.65 1.26
N HIS A 65 -9.53 1.63 1.67
CA HIS A 65 -9.73 0.29 1.14
C HIS A 65 -9.16 -0.74 2.10
N GLN A 66 -9.72 -1.93 2.08
CA GLN A 66 -9.34 -3.09 2.92
C GLN A 66 -7.91 -3.56 2.70
N HIS A 67 -7.29 -3.24 1.53
CA HIS A 67 -5.90 -3.64 1.27
C HIS A 67 -4.95 -2.44 1.07
N ILE A 68 -5.35 -1.28 1.61
CA ILE A 68 -4.53 -0.08 1.56
C ILE A 68 -4.33 0.41 3.00
N CYS A 69 -3.07 0.69 3.38
N CYS A 69 -3.08 0.69 3.37
CA CYS A 69 -2.78 1.21 4.72
CA CYS A 69 -2.79 1.19 4.72
C CYS A 69 -3.56 2.51 4.96
C CYS A 69 -3.55 2.51 4.96
N GLN A 70 -4.35 2.55 6.04
CA GLN A 70 -5.20 3.71 6.35
C GLN A 70 -4.47 4.92 6.91
N LEU A 71 -4.82 6.12 6.39
CA LEU A 71 -4.35 7.39 6.93
C LEU A 71 -5.37 7.80 8.02
N TYR A 72 -4.88 8.18 9.21
CA TYR A 72 -5.78 8.61 10.28
C TYR A 72 -5.74 10.08 10.57
N HIS A 73 -4.55 10.70 10.47
CA HIS A 73 -4.35 12.05 10.98
C HIS A 73 -3.13 12.67 10.33
N VAL A 74 -3.26 13.92 9.89
CA VAL A 74 -2.16 14.72 9.31
C VAL A 74 -2.00 15.90 10.25
N LEU A 75 -0.78 16.08 10.77
CA LEU A 75 -0.48 17.19 11.68
C LEU A 75 0.68 17.93 11.09
N GLU A 76 0.53 19.24 10.90
CA GLU A 76 1.64 20.05 10.38
C GLU A 76 2.04 21.08 11.43
N THR A 77 3.34 21.15 11.73
CA THR A 77 3.90 22.12 12.68
C THR A 77 4.81 23.06 11.87
N ALA A 78 5.56 23.94 12.55
CA ALA A 78 6.50 24.84 11.88
C ALA A 78 7.56 24.08 11.04
N ASN A 79 8.10 22.97 11.57
CA ASN A 79 9.18 22.19 10.95
C ASN A 79 8.84 20.84 10.40
N LYS A 80 7.75 20.24 10.87
CA LYS A 80 7.43 18.88 10.48
C LYS A 80 6.05 18.67 9.91
N ILE A 81 5.89 17.54 9.25
CA ILE A 81 4.61 17.00 8.81
C ILE A 81 4.58 15.60 9.41
N PHE A 82 3.54 15.30 10.19
CA PHE A 82 3.34 13.99 10.79
C PHE A 82 2.14 13.36 10.09
N MET A 83 2.29 12.10 9.66
CA MET A 83 1.18 11.36 9.07
C MET A 83 0.98 10.16 9.99
N VAL A 84 -0.20 10.05 10.59
CA VAL A 84 -0.51 8.94 11.50
C VAL A 84 -1.23 7.88 10.66
N LEU A 85 -0.67 6.67 10.64
CA LEU A 85 -1.11 5.59 9.76
C LEU A 85 -1.32 4.29 10.47
N GLU A 86 -2.00 3.37 9.78
CA GLU A 86 -2.28 2.04 10.28
C GLU A 86 -0.94 1.31 10.55
N TYR A 87 -0.79 0.76 11.75
CA TYR A 87 0.41 0.01 12.11
C TYR A 87 0.16 -1.43 11.70
N CYS A 88 1.10 -1.99 10.94
CA CYS A 88 0.97 -3.37 10.45
C CYS A 88 1.98 -4.21 11.21
N PRO A 89 1.54 -4.95 12.25
CA PRO A 89 2.51 -5.67 13.11
C PRO A 89 3.20 -6.87 12.46
N GLY A 90 2.66 -7.31 11.32
CA GLY A 90 3.23 -8.44 10.58
C GLY A 90 4.47 -8.11 9.77
N GLY A 91 4.81 -6.82 9.63
CA GLY A 91 5.99 -6.39 8.89
C GLY A 91 5.86 -6.45 7.37
N GLU A 92 7.00 -6.40 6.67
CA GLU A 92 7.06 -6.38 5.21
C GLU A 92 6.91 -7.73 4.55
N LEU A 93 6.25 -7.74 3.40
CA LEU A 93 6.14 -8.95 2.57
C LEU A 93 7.58 -9.36 2.16
N PHE A 94 8.47 -8.37 1.93
CA PHE A 94 9.87 -8.62 1.58
C PHE A 94 10.49 -9.62 2.57
N ASP A 95 10.36 -9.33 3.87
CA ASP A 95 10.95 -10.18 4.90
C ASP A 95 10.22 -11.52 5.02
N TYR A 96 8.90 -11.51 4.81
CA TYR A 96 8.12 -12.74 4.88
C TYR A 96 8.59 -13.75 3.83
N ILE A 97 8.73 -13.32 2.57
CA ILE A 97 9.17 -14.21 1.47
C ILE A 97 10.52 -14.81 1.82
N ILE A 98 11.47 -13.97 2.26
CA ILE A 98 12.82 -14.47 2.62
C ILE A 98 12.73 -15.52 3.72
N SER A 99 11.95 -15.24 4.80
CA SER A 99 11.79 -16.19 5.91
C SER A 99 11.23 -17.53 5.44
N GLN A 100 10.31 -17.52 4.46
CA GLN A 100 9.70 -18.74 3.92
C GLN A 100 10.50 -19.37 2.78
N ASP A 101 11.56 -18.68 2.27
CA ASP A 101 12.38 -19.00 1.07
C ASP A 101 11.61 -18.64 -0.20
N ARG A 102 10.44 -19.25 -0.41
CA ARG A 102 9.50 -18.97 -1.52
C ARG A 102 8.13 -19.48 -1.11
N LEU A 103 7.06 -18.97 -1.72
CA LEU A 103 5.72 -19.42 -1.36
C LEU A 103 5.22 -20.44 -2.38
N SER A 104 4.36 -21.38 -1.94
CA SER A 104 3.77 -22.34 -2.88
C SER A 104 2.86 -21.55 -3.83
N GLU A 105 2.44 -22.17 -4.94
CA GLU A 105 1.50 -21.51 -5.85
C GLU A 105 0.22 -21.09 -5.11
N GLU A 106 -0.29 -21.96 -4.22
CA GLU A 106 -1.51 -21.72 -3.44
C GLU A 106 -1.37 -20.53 -2.49
N GLU A 107 -0.24 -20.45 -1.75
CA GLU A 107 -0.04 -19.32 -0.86
C GLU A 107 0.23 -18.05 -1.68
N THR A 108 0.92 -18.17 -2.81
CA THR A 108 1.17 -17.01 -3.69
C THR A 108 -0.17 -16.42 -4.14
N ARG A 109 -1.12 -17.29 -4.56
CA ARG A 109 -2.43 -16.82 -5.01
C ARG A 109 -3.18 -16.09 -3.90
N VAL A 110 -3.10 -16.59 -2.62
CA VAL A 110 -3.74 -15.94 -1.48
C VAL A 110 -3.25 -14.49 -1.38
N VAL A 111 -1.94 -14.28 -1.40
N VAL A 111 -1.93 -14.31 -1.41
CA VAL A 111 -1.37 -12.94 -1.28
CA VAL A 111 -1.24 -13.02 -1.34
C VAL A 111 -1.52 -12.11 -2.58
C VAL A 111 -1.55 -12.17 -2.57
N PHE A 112 -1.36 -12.74 -3.76
CA PHE A 112 -1.47 -12.01 -5.03
C PHE A 112 -2.85 -11.47 -5.30
N ARG A 113 -3.90 -12.21 -4.91
CA ARG A 113 -5.25 -11.67 -5.08
C ARG A 113 -5.45 -10.40 -4.23
N GLN A 114 -4.77 -10.29 -3.08
CA GLN A 114 -4.88 -9.09 -2.23
C GLN A 114 -4.16 -7.91 -2.90
N ILE A 115 -3.02 -8.17 -3.53
CA ILE A 115 -2.25 -7.12 -4.24
C ILE A 115 -3.12 -6.63 -5.41
N VAL A 116 -3.72 -7.56 -6.16
CA VAL A 116 -4.58 -7.21 -7.31
C VAL A 116 -5.76 -6.35 -6.85
N SER A 117 -6.40 -6.73 -5.73
CA SER A 117 -7.51 -5.96 -5.17
C SER A 117 -7.08 -4.53 -4.92
N ALA A 118 -5.97 -4.33 -4.20
CA ALA A 118 -5.50 -2.99 -3.84
C ALA A 118 -5.13 -2.16 -5.10
N VAL A 119 -4.35 -2.73 -6.02
CA VAL A 119 -3.86 -2.01 -7.21
C VAL A 119 -5.04 -1.68 -8.16
N ALA A 120 -5.98 -2.61 -8.35
CA ALA A 120 -7.12 -2.32 -9.22
C ALA A 120 -7.92 -1.15 -8.63
N TYR A 121 -8.06 -1.12 -7.28
CA TYR A 121 -8.79 -0.02 -6.66
C TYR A 121 -8.04 1.29 -6.85
N VAL A 122 -6.71 1.28 -6.71
CA VAL A 122 -5.91 2.50 -6.89
C VAL A 122 -6.18 3.03 -8.32
N HIS A 123 -6.17 2.14 -9.32
CA HIS A 123 -6.42 2.54 -10.71
C HIS A 123 -7.86 3.07 -10.87
N SER A 124 -8.83 2.42 -10.21
CA SER A 124 -10.24 2.85 -10.31
C SER A 124 -10.45 4.26 -9.77
N GLN A 125 -9.58 4.69 -8.82
CA GLN A 125 -9.65 6.02 -8.20
C GLN A 125 -8.89 7.09 -9.01
N GLY A 126 -8.26 6.68 -10.10
CA GLY A 126 -7.56 7.60 -11.00
C GLY A 126 -6.07 7.79 -10.70
N TYR A 127 -5.47 6.87 -9.93
CA TYR A 127 -4.05 6.95 -9.58
C TYR A 127 -3.27 5.75 -10.12
N ALA A 128 -1.94 5.86 -10.11
CA ALA A 128 -1.05 4.72 -10.42
C ALA A 128 -0.07 4.71 -9.26
N HIS A 129 0.39 3.52 -8.84
CA HIS A 129 1.32 3.44 -7.71
C HIS A 129 2.75 3.79 -8.16
N ARG A 130 3.25 3.08 -9.19
CA ARG A 130 4.54 3.27 -9.84
C ARG A 130 5.77 2.78 -9.02
N ASP A 131 5.58 2.25 -7.79
CA ASP A 131 6.70 1.71 -7.02
C ASP A 131 6.31 0.44 -6.30
N LEU A 132 5.57 -0.43 -6.99
CA LEU A 132 5.14 -1.71 -6.41
C LEU A 132 6.35 -2.63 -6.23
N LYS A 133 6.49 -3.16 -5.03
CA LYS A 133 7.62 -4.00 -4.61
C LYS A 133 7.28 -4.56 -3.23
N PRO A 134 7.92 -5.66 -2.78
CA PRO A 134 7.49 -6.28 -1.51
C PRO A 134 7.75 -5.47 -0.25
N GLU A 135 8.65 -4.46 -0.30
CA GLU A 135 8.92 -3.54 0.82
C GLU A 135 7.72 -2.60 0.98
N ASN A 136 6.88 -2.48 -0.08
CA ASN A 136 5.69 -1.63 -0.04
C ASN A 136 4.38 -2.39 0.26
N LEU A 137 4.50 -3.62 0.79
CA LEU A 137 3.31 -4.42 1.14
C LEU A 137 3.55 -4.97 2.54
N LEU A 138 2.65 -4.60 3.46
CA LEU A 138 2.80 -4.97 4.87
C LEU A 138 1.69 -5.88 5.36
N PHE A 139 1.97 -6.68 6.37
CA PHE A 139 0.94 -7.56 6.93
C PHE A 139 0.32 -6.94 8.15
N ASP A 140 -1.00 -6.87 8.16
CA ASP A 140 -1.73 -6.34 9.30
C ASP A 140 -1.89 -7.42 10.40
N GLU A 141 -2.59 -7.08 11.48
CA GLU A 141 -2.76 -8.01 12.61
C GLU A 141 -3.55 -9.27 12.27
N TYR A 142 -4.31 -9.22 11.17
CA TYR A 142 -5.10 -10.35 10.68
C TYR A 142 -4.37 -11.13 9.60
N HIS A 143 -3.07 -10.81 9.38
CA HIS A 143 -2.17 -11.41 8.38
C HIS A 143 -2.68 -11.15 6.95
N LYS A 144 -3.39 -10.02 6.76
CA LYS A 144 -3.87 -9.60 5.43
C LYS A 144 -2.92 -8.48 4.97
N LEU A 145 -2.76 -8.34 3.66
CA LEU A 145 -1.82 -7.35 3.12
C LEU A 145 -2.39 -5.97 3.02
N LYS A 146 -1.52 -4.98 3.22
CA LYS A 146 -1.85 -3.56 3.08
C LYS A 146 -0.77 -2.93 2.22
N LEU A 147 -1.20 -2.29 1.16
CA LEU A 147 -0.33 -1.59 0.25
C LEU A 147 0.04 -0.24 0.84
N ILE A 148 1.33 0.11 0.74
CA ILE A 148 1.86 1.40 1.18
C ILE A 148 2.67 1.98 -0.01
N ASP A 149 3.13 3.21 0.13
CA ASP A 149 4.03 3.85 -0.84
C ASP A 149 4.96 4.67 0.01
N PHE A 150 6.08 4.07 0.39
CA PHE A 150 7.00 4.71 1.30
C PHE A 150 7.84 5.83 0.64
N GLY A 151 8.18 5.67 -0.64
CA GLY A 151 9.02 6.62 -1.38
C GLY A 151 8.36 7.66 -2.27
N LEU A 152 7.09 8.04 -1.99
CA LEU A 152 6.30 9.07 -2.69
C LEU A 152 6.30 8.95 -4.23
N CYS A 153 5.97 7.75 -4.75
CA CYS A 153 5.95 7.52 -6.20
C CYS A 153 4.56 7.59 -6.82
N ALA A 154 3.51 7.25 -6.05
CA ALA A 154 2.12 7.25 -6.51
C ALA A 154 1.73 8.62 -7.05
N LYS A 155 1.07 8.65 -8.21
CA LYS A 155 0.72 9.90 -8.90
C LYS A 155 -0.72 9.83 -9.46
N PRO A 156 -1.48 10.97 -9.47
CA PRO A 156 -2.81 10.96 -10.11
C PRO A 156 -2.72 10.89 -11.62
N SER A 170 14.58 0.30 -6.36
CA SER A 170 13.34 0.06 -7.13
C SER A 170 13.54 -0.37 -8.59
N LEU A 171 14.79 -0.31 -9.10
N LEU A 171 14.80 -0.33 -9.07
CA LEU A 171 15.09 -0.69 -10.49
CA LEU A 171 15.15 -0.70 -10.45
C LEU A 171 14.62 -2.10 -10.87
C LEU A 171 14.67 -2.09 -10.87
N ALA A 172 14.86 -3.09 -10.00
CA ALA A 172 14.47 -4.49 -10.24
C ALA A 172 12.96 -4.67 -10.53
N TYR A 173 12.11 -3.75 -10.03
CA TYR A 173 10.66 -3.83 -10.24
C TYR A 173 10.14 -2.88 -11.33
N ALA A 174 11.01 -2.00 -11.86
CA ALA A 174 10.65 -0.97 -12.84
C ALA A 174 10.44 -1.49 -14.23
N ALA A 175 9.35 -1.02 -14.87
CA ALA A 175 9.08 -1.42 -16.24
C ALA A 175 10.13 -0.85 -17.23
N PRO A 176 10.43 -1.56 -18.34
CA PRO A 176 11.46 -1.05 -19.28
C PRO A 176 11.25 0.39 -19.73
N GLU A 177 9.99 0.78 -20.05
CA GLU A 177 9.70 2.14 -20.50
C GLU A 177 9.92 3.19 -19.40
N LEU A 178 9.68 2.80 -18.13
CA LEU A 178 9.84 3.68 -16.97
C LEU A 178 11.30 4.03 -16.77
N ILE A 179 12.19 3.02 -16.94
CA ILE A 179 13.63 3.20 -16.80
C ILE A 179 14.16 4.12 -17.90
N GLN A 180 13.76 3.87 -19.17
CA GLN A 180 14.20 4.59 -20.37
C GLN A 180 13.87 6.08 -20.42
N GLY A 181 12.98 6.52 -19.55
CA GLY A 181 12.53 7.90 -19.50
C GLY A 181 11.55 8.19 -20.62
N LYS A 182 10.83 7.15 -21.10
CA LYS A 182 9.85 7.29 -22.17
C LYS A 182 8.52 7.62 -21.52
N SER A 183 7.56 8.14 -22.31
CA SER A 183 6.23 8.41 -21.76
C SER A 183 5.58 7.04 -21.50
N TYR A 184 4.82 6.94 -20.40
CA TYR A 184 4.22 5.67 -20.07
C TYR A 184 2.90 5.88 -19.38
N LEU A 185 2.11 4.81 -19.29
CA LEU A 185 0.86 4.81 -18.54
C LEU A 185 1.18 4.12 -17.23
N GLY A 186 0.88 4.78 -16.12
CA GLY A 186 1.15 4.23 -14.80
C GLY A 186 0.54 2.86 -14.59
N SER A 187 -0.67 2.64 -15.13
CA SER A 187 -1.35 1.34 -14.98
C SER A 187 -0.54 0.24 -15.63
N GLU A 188 0.06 0.51 -16.80
CA GLU A 188 0.90 -0.49 -17.50
C GLU A 188 2.17 -0.76 -16.74
N ALA A 189 2.77 0.28 -16.13
CA ALA A 189 3.99 0.09 -15.35
C ALA A 189 3.66 -0.74 -14.10
N ASP A 190 2.47 -0.50 -13.49
CA ASP A 190 2.04 -1.29 -12.32
C ASP A 190 1.86 -2.76 -12.65
N VAL A 191 1.31 -3.07 -13.85
CA VAL A 191 1.11 -4.47 -14.24
C VAL A 191 2.46 -5.17 -14.36
N TRP A 192 3.44 -4.51 -14.98
CA TRP A 192 4.78 -5.10 -15.05
C TRP A 192 5.33 -5.40 -13.63
N SER A 193 5.30 -4.41 -12.73
CA SER A 193 5.81 -4.56 -11.36
C SER A 193 5.11 -5.71 -10.65
N MET A 194 3.80 -5.86 -10.90
CA MET A 194 3.01 -6.97 -10.34
C MET A 194 3.50 -8.31 -10.89
N GLY A 195 3.94 -8.33 -12.14
CA GLY A 195 4.55 -9.54 -12.74
C GLY A 195 5.84 -9.89 -12.02
N ILE A 196 6.70 -8.87 -11.71
CA ILE A 196 7.96 -9.13 -10.98
C ILE A 196 7.60 -9.69 -9.57
N LEU A 197 6.62 -9.10 -8.91
CA LEU A 197 6.14 -9.54 -7.57
C LEU A 197 5.66 -11.00 -7.63
N LEU A 198 4.89 -11.36 -8.67
CA LEU A 198 4.38 -12.72 -8.85
C LEU A 198 5.55 -13.71 -8.95
N TYR A 199 6.58 -13.33 -9.72
CA TYR A 199 7.78 -14.17 -9.88
C TYR A 199 8.50 -14.35 -8.56
N VAL A 200 8.76 -13.24 -7.83
CA VAL A 200 9.47 -13.28 -6.53
C VAL A 200 8.68 -14.11 -5.52
N LEU A 201 7.35 -13.98 -5.49
CA LEU A 201 6.55 -14.77 -4.56
C LEU A 201 6.75 -16.28 -4.76
N MET A 202 6.73 -16.73 -6.03
CA MET A 202 6.86 -18.14 -6.36
C MET A 202 8.27 -18.65 -6.49
N CYS A 203 9.26 -17.76 -6.63
CA CYS A 203 10.64 -18.24 -6.79
C CYS A 203 11.56 -17.88 -5.65
N GLY A 204 11.31 -16.75 -4.99
CA GLY A 204 12.13 -16.26 -3.89
C GLY A 204 13.38 -15.52 -4.34
N PHE A 205 13.45 -15.17 -5.62
CA PHE A 205 14.55 -14.41 -6.25
C PHE A 205 13.97 -13.62 -7.39
N LEU A 206 14.70 -12.58 -7.83
CA LEU A 206 14.21 -11.73 -8.92
C LEU A 206 14.38 -12.38 -10.29
N PRO A 207 13.49 -12.04 -11.25
CA PRO A 207 13.65 -12.55 -12.61
C PRO A 207 14.80 -11.84 -13.34
N PHE A 208 15.03 -10.55 -13.01
CA PHE A 208 16.10 -9.73 -13.60
C PHE A 208 16.96 -9.24 -12.47
N ASP A 209 18.23 -9.66 -12.47
CA ASP A 209 19.11 -9.26 -11.37
C ASP A 209 20.53 -9.24 -11.82
N ASP A 210 21.30 -8.28 -11.29
CA ASP A 210 22.72 -8.15 -11.58
C ASP A 210 23.32 -7.20 -10.58
N ASP A 211 24.59 -7.43 -10.23
CA ASP A 211 25.40 -6.62 -9.33
C ASP A 211 25.71 -5.27 -9.99
N ASN A 212 25.75 -5.25 -11.33
CA ASN A 212 26.00 -4.01 -12.06
C ASN A 212 24.69 -3.42 -12.58
N VAL A 213 24.44 -2.13 -12.31
CA VAL A 213 23.19 -1.44 -12.68
C VAL A 213 22.95 -1.46 -14.21
N MET A 214 24.03 -1.29 -15.00
CA MET A 214 23.91 -1.27 -16.45
C MET A 214 23.53 -2.63 -17.00
N ALA A 215 24.12 -3.71 -16.44
CA ALA A 215 23.79 -5.07 -16.87
C ALA A 215 22.36 -5.45 -16.44
N LEU A 216 21.89 -4.93 -15.27
CA LEU A 216 20.50 -5.17 -14.83
C LEU A 216 19.56 -4.46 -15.84
N TYR A 217 19.89 -3.21 -16.21
CA TYR A 217 19.11 -2.42 -17.16
C TYR A 217 18.98 -3.20 -18.49
N LYS A 218 20.09 -3.78 -19.00
CA LYS A 218 20.10 -4.60 -20.22
C LYS A 218 19.15 -5.79 -20.08
N LYS A 219 19.24 -6.48 -18.93
CA LYS A 219 18.38 -7.65 -18.69
C LYS A 219 16.91 -7.27 -18.71
N ILE A 220 16.54 -6.15 -18.08
CA ILE A 220 15.13 -5.72 -18.05
C ILE A 220 14.65 -5.37 -19.46
N MET A 221 15.47 -4.62 -20.21
CA MET A 221 15.10 -4.25 -21.59
C MET A 221 14.91 -5.48 -22.47
N ARG A 222 15.69 -6.54 -22.22
CA ARG A 222 15.63 -7.77 -23.02
C ARG A 222 14.40 -8.63 -22.66
N GLY A 223 14.00 -8.62 -21.38
CA GLY A 223 12.80 -9.33 -20.92
C GLY A 223 12.91 -10.83 -20.79
N LYS A 224 14.13 -11.38 -20.94
CA LYS A 224 14.35 -12.83 -20.82
C LYS A 224 14.67 -13.18 -19.38
N TYR A 225 14.06 -14.25 -18.88
CA TYR A 225 14.26 -14.71 -17.51
C TYR A 225 14.20 -16.23 -17.44
N ASP A 226 14.86 -16.81 -16.43
CA ASP A 226 14.84 -18.25 -16.20
C ASP A 226 13.47 -18.65 -15.67
N VAL A 227 13.00 -19.81 -16.09
CA VAL A 227 11.71 -20.31 -15.63
C VAL A 227 11.99 -21.54 -14.76
N PRO A 228 11.97 -21.44 -13.41
CA PRO A 228 12.25 -22.63 -12.57
C PRO A 228 11.31 -23.81 -12.83
N LYS A 229 11.82 -25.03 -12.62
CA LYS A 229 11.09 -26.29 -12.84
C LYS A 229 9.85 -26.47 -11.95
N TRP A 230 9.79 -25.77 -10.81
CA TRP A 230 8.68 -25.89 -9.87
C TRP A 230 7.44 -25.08 -10.26
N LEU A 231 7.57 -24.15 -11.23
CA LEU A 231 6.45 -23.33 -11.69
C LEU A 231 5.50 -24.16 -12.52
N SER A 232 4.20 -24.03 -12.26
CA SER A 232 3.18 -24.75 -13.02
C SER A 232 3.02 -24.11 -14.42
N PRO A 233 2.49 -24.84 -15.43
CA PRO A 233 2.25 -24.21 -16.75
C PRO A 233 1.35 -22.98 -16.70
N SER A 234 0.32 -22.98 -15.82
N SER A 234 0.33 -22.97 -15.82
CA SER A 234 -0.58 -21.82 -15.68
CA SER A 234 -0.58 -21.84 -15.66
C SER A 234 0.15 -20.60 -15.11
C SER A 234 0.17 -20.61 -15.12
N SER A 235 1.05 -20.80 -14.12
CA SER A 235 1.86 -19.70 -13.53
C SER A 235 2.76 -19.08 -14.60
N ILE A 236 3.36 -19.93 -15.45
CA ILE A 236 4.29 -19.52 -16.53
C ILE A 236 3.54 -18.63 -17.52
N LEU A 237 2.33 -19.04 -17.91
CA LEU A 237 1.49 -18.29 -18.83
C LEU A 237 1.11 -16.93 -18.27
N LEU A 238 0.71 -16.86 -16.98
CA LEU A 238 0.35 -15.58 -16.38
C LEU A 238 1.57 -14.67 -16.35
N LEU A 239 2.72 -15.22 -15.99
CA LEU A 239 3.95 -14.40 -15.97
C LEU A 239 4.24 -13.81 -17.35
N GLN A 240 4.06 -14.61 -18.43
CA GLN A 240 4.27 -14.15 -19.82
C GLN A 240 3.34 -12.98 -20.17
N GLN A 241 2.10 -13.04 -19.66
CA GLN A 241 1.08 -12.01 -19.94
C GLN A 241 1.32 -10.69 -19.24
N MET A 242 2.04 -10.72 -18.10
CA MET A 242 2.35 -9.53 -17.32
C MET A 242 3.71 -8.95 -17.72
N LEU A 243 4.70 -9.84 -17.93
CA LEU A 243 6.05 -9.42 -18.24
C LEU A 243 6.29 -9.33 -19.72
N GLN A 244 5.62 -8.39 -20.35
CA GLN A 244 5.82 -8.08 -21.77
C GLN A 244 6.58 -6.79 -21.82
N VAL A 245 7.68 -6.75 -22.56
CA VAL A 245 8.47 -5.52 -22.67
C VAL A 245 7.62 -4.42 -23.35
N ASP A 246 6.82 -4.78 -24.36
CA ASP A 246 5.93 -3.84 -25.03
C ASP A 246 4.74 -3.61 -24.09
N PRO A 247 4.56 -2.38 -23.55
CA PRO A 247 3.47 -2.16 -22.57
C PRO A 247 2.08 -2.40 -23.11
N LYS A 248 1.93 -2.31 -24.44
CA LYS A 248 0.65 -2.53 -25.10
C LYS A 248 0.27 -4.01 -25.16
N LYS A 249 1.26 -4.90 -24.99
CA LYS A 249 1.04 -6.35 -25.01
C LYS A 249 0.74 -6.91 -23.62
N ARG A 250 0.86 -6.08 -22.56
CA ARG A 250 0.59 -6.47 -21.19
C ARG A 250 -0.88 -6.66 -20.93
N ILE A 251 -1.21 -7.63 -20.07
CA ILE A 251 -2.60 -7.87 -19.70
C ILE A 251 -3.20 -6.61 -19.05
N SER A 252 -4.47 -6.31 -19.31
CA SER A 252 -5.13 -5.18 -18.64
C SER A 252 -5.49 -5.62 -17.21
N MET A 253 -5.69 -4.64 -16.31
CA MET A 253 -6.11 -4.92 -14.93
C MET A 253 -7.45 -5.62 -14.89
N LYS A 254 -8.36 -5.21 -15.79
CA LYS A 254 -9.69 -5.80 -15.89
C LYS A 254 -9.58 -7.30 -16.12
N ASN A 255 -8.68 -7.73 -17.03
CA ASN A 255 -8.50 -9.13 -17.36
C ASN A 255 -7.73 -9.91 -16.29
N LEU A 256 -7.02 -9.20 -15.42
CA LEU A 256 -6.32 -9.84 -14.32
C LEU A 256 -7.32 -10.25 -13.26
N LEU A 257 -8.40 -9.44 -13.07
CA LEU A 257 -9.39 -9.70 -12.02
C LEU A 257 -10.04 -11.08 -12.11
N ASN A 258 -10.23 -11.58 -13.34
CA ASN A 258 -10.87 -12.89 -13.52
C ASN A 258 -10.02 -13.84 -14.36
N HIS A 259 -8.70 -13.64 -14.33
CA HIS A 259 -7.75 -14.48 -15.08
C HIS A 259 -7.86 -15.93 -14.60
N PRO A 260 -7.77 -16.94 -15.50
CA PRO A 260 -7.90 -18.34 -15.04
C PRO A 260 -6.98 -18.72 -13.87
N TRP A 261 -5.71 -18.24 -13.84
CA TRP A 261 -4.80 -18.53 -12.73
C TRP A 261 -5.33 -17.91 -11.44
N ILE A 262 -5.85 -16.67 -11.54
CA ILE A 262 -6.39 -15.93 -10.39
C ILE A 262 -7.64 -16.63 -9.81
N MET A 263 -8.48 -17.21 -10.69
CA MET A 263 -9.75 -17.87 -10.34
C MET A 263 -9.55 -19.28 -9.76
N GLN A 264 -8.41 -19.92 -10.07
CA GLN A 264 -8.11 -21.29 -9.63
C GLN A 264 -8.27 -21.43 -8.12
N ASP A 265 -9.15 -22.37 -7.68
CA ASP A 265 -9.48 -22.62 -6.27
C ASP A 265 -10.34 -21.53 -5.61
N TYR A 266 -10.77 -20.51 -6.38
CA TYR A 266 -11.62 -19.43 -5.86
C TYR A 266 -12.96 -19.40 -6.57
N ASN A 267 -12.94 -19.37 -7.92
CA ASN A 267 -14.12 -19.38 -8.80
C ASN A 267 -14.97 -18.11 -8.71
N TYR A 268 -14.37 -17.02 -8.23
CA TYR A 268 -14.97 -15.70 -8.25
C TYR A 268 -13.88 -14.70 -8.54
N PRO A 269 -14.14 -13.63 -9.30
CA PRO A 269 -13.07 -12.67 -9.58
C PRO A 269 -12.64 -11.89 -8.34
N VAL A 270 -11.49 -11.25 -8.43
CA VAL A 270 -10.97 -10.46 -7.33
C VAL A 270 -11.96 -9.36 -6.99
N GLU A 271 -12.24 -9.22 -5.68
CA GLU A 271 -13.12 -8.18 -5.20
C GLU A 271 -12.22 -6.99 -4.93
N TRP A 272 -12.25 -6.03 -5.85
CA TRP A 272 -11.41 -4.84 -5.79
C TRP A 272 -12.15 -3.66 -5.19
N GLN A 273 -13.53 -3.65 -5.24
CA GLN A 273 -14.26 -2.51 -4.69
C GLN A 273 -13.99 -2.38 -3.20
N SER A 274 -13.97 -1.14 -2.71
CA SER A 274 -13.73 -0.87 -1.30
C SER A 274 -14.90 -1.31 -0.42
N LYS A 275 -14.56 -1.87 0.74
CA LYS A 275 -15.52 -2.28 1.80
C LYS A 275 -15.50 -1.23 2.94
N ASN A 276 -14.54 -0.28 2.89
CA ASN A 276 -14.29 0.75 3.93
C ASN A 276 -14.86 2.09 3.47
N PRO A 277 -16.03 2.51 3.99
CA PRO A 277 -16.69 3.70 3.42
C PRO A 277 -16.29 5.07 3.94
N PHE A 278 -16.66 6.09 3.14
CA PHE A 278 -16.51 7.51 3.45
C PHE A 278 -17.90 8.04 3.85
N ILE A 279 -18.95 7.57 3.15
CA ILE A 279 -20.34 8.01 3.33
C ILE A 279 -21.02 7.42 4.59
N HIS A 280 -21.07 6.08 4.73
CA HIS A 280 -21.73 5.40 5.84
C HIS A 280 -20.93 5.53 7.14
N LEU A 281 -21.56 6.10 8.18
CA LEU A 281 -20.93 6.21 9.51
C LEU A 281 -21.48 5.12 10.41
N ASP A 282 -20.61 4.56 11.25
CA ASP A 282 -20.95 3.49 12.18
C ASP A 282 -21.55 4.12 13.43
N ASP A 283 -22.81 3.80 13.73
CA ASP A 283 -23.51 4.42 14.86
C ASP A 283 -22.82 4.19 16.23
N ASP A 284 -22.24 2.98 16.46
CA ASP A 284 -21.59 2.65 17.73
C ASP A 284 -20.38 3.57 17.93
N CYS A 285 -19.62 3.79 16.83
CA CYS A 285 -18.43 4.63 16.88
C CYS A 285 -18.76 6.09 17.00
N VAL A 286 -19.84 6.56 16.33
CA VAL A 286 -20.28 7.94 16.51
C VAL A 286 -20.67 8.15 17.98
N THR A 287 -21.42 7.17 18.57
CA THR A 287 -21.82 7.26 19.99
C THR A 287 -20.62 7.33 20.93
N GLU A 288 -19.67 6.39 20.75
CA GLU A 288 -18.47 6.33 21.60
C GLU A 288 -17.65 7.61 21.46
N LEU A 289 -17.50 8.12 20.24
CA LEU A 289 -16.78 9.37 20.01
C LEU A 289 -17.47 10.58 20.69
N SER A 290 -18.84 10.68 20.58
CA SER A 290 -19.62 11.80 21.12
C SER A 290 -19.46 12.04 22.63
N VAL A 291 -19.16 10.98 23.42
CA VAL A 291 -18.96 11.13 24.88
C VAL A 291 -17.74 12.00 25.21
N HIS A 292 -16.74 12.05 24.31
CA HIS A 292 -15.51 12.82 24.51
C HIS A 292 -15.63 14.27 24.07
N HIS A 293 -16.81 14.66 23.55
CA HIS A 293 -17.04 16.02 23.10
C HIS A 293 -18.25 16.65 23.77
N ARG A 294 -18.19 17.96 24.05
CA ARG A 294 -19.27 18.70 24.70
C ARG A 294 -20.49 18.94 23.78
N ASN A 295 -20.32 18.74 22.46
CA ASN A 295 -21.38 18.93 21.47
C ASN A 295 -22.36 17.74 21.37
N ASN A 296 -23.51 17.97 20.69
CA ASN A 296 -24.54 16.94 20.49
C ASN A 296 -24.13 16.00 19.36
N ARG A 297 -24.87 14.88 19.24
CA ARG A 297 -24.64 13.82 18.27
C ARG A 297 -24.65 14.26 16.80
N GLN A 298 -25.66 15.05 16.37
CA GLN A 298 -25.75 15.50 14.98
C GLN A 298 -24.60 16.43 14.60
N THR A 299 -24.17 17.31 15.53
CA THR A 299 -23.00 18.19 15.34
C THR A 299 -21.76 17.28 15.13
N MET A 300 -21.65 16.20 15.94
CA MET A 300 -20.55 15.24 15.85
C MET A 300 -20.51 14.55 14.50
N GLU A 301 -21.65 14.03 14.01
CA GLU A 301 -21.77 13.35 12.71
C GLU A 301 -21.33 14.26 11.58
N ASP A 302 -21.79 15.54 11.60
CA ASP A 302 -21.46 16.55 10.59
C ASP A 302 -19.96 16.80 10.56
N LEU A 303 -19.34 16.94 11.74
CA LEU A 303 -17.90 17.14 11.88
C LEU A 303 -17.09 15.97 11.35
N ILE A 304 -17.45 14.71 11.71
CA ILE A 304 -16.77 13.51 11.22
C ILE A 304 -16.83 13.48 9.67
N SER A 305 -18.01 13.80 9.11
CA SER A 305 -18.25 13.78 7.67
C SER A 305 -17.41 14.77 6.87
N LEU A 306 -16.79 15.77 7.55
CA LEU A 306 -15.90 16.74 6.90
C LEU A 306 -14.55 16.10 6.49
N TRP A 307 -14.20 14.92 7.08
CA TRP A 307 -12.95 14.17 6.87
C TRP A 307 -11.73 15.09 6.76
N GLN A 308 -11.51 15.89 7.81
CA GLN A 308 -10.40 16.84 7.83
C GLN A 308 -9.05 16.19 8.15
N TYR A 309 -9.05 14.91 8.58
CA TYR A 309 -7.85 14.15 8.99
C TYR A 309 -7.17 14.84 10.17
N ASP A 310 -7.99 15.37 11.06
CA ASP A 310 -7.55 15.97 12.31
C ASP A 310 -7.73 14.88 13.40
N HIS A 311 -7.63 15.25 14.72
CA HIS A 311 -7.79 14.23 15.77
C HIS A 311 -9.16 13.55 15.77
N LEU A 312 -10.22 14.26 15.38
CA LEU A 312 -11.57 13.68 15.32
C LEU A 312 -11.61 12.55 14.30
N THR A 313 -11.06 12.78 13.09
CA THR A 313 -10.97 11.72 12.06
C THR A 313 -10.23 10.54 12.65
N ALA A 314 -9.05 10.78 13.31
CA ALA A 314 -8.25 9.68 13.84
C ALA A 314 -9.03 8.88 14.87
N THR A 315 -9.73 9.55 15.79
CA THR A 315 -10.50 8.87 16.83
C THR A 315 -11.60 8.02 16.22
N TYR A 316 -12.36 8.58 15.27
CA TYR A 316 -13.45 7.83 14.63
C TYR A 316 -12.92 6.56 13.94
N LEU A 317 -11.86 6.70 13.14
CA LEU A 317 -11.32 5.54 12.40
C LEU A 317 -10.69 4.50 13.29
N LEU A 318 -10.05 4.93 14.40
CA LEU A 318 -9.45 4.00 15.35
C LEU A 318 -10.51 3.28 16.16
N LEU A 319 -11.63 3.96 16.48
CA LEU A 319 -12.72 3.28 17.16
C LEU A 319 -13.29 2.20 16.23
N LEU A 320 -13.37 2.49 14.92
CA LEU A 320 -13.89 1.57 13.91
C LEU A 320 -12.98 0.34 13.84
N ALA A 321 -11.64 0.55 13.91
CA ALA A 321 -10.67 -0.56 13.89
C ALA A 321 -10.83 -1.40 15.16
N LYS A 322 -11.00 -0.74 16.32
CA LYS A 322 -11.17 -1.40 17.62
C LYS A 322 -12.46 -2.25 17.59
N LYS A 323 -13.54 -1.73 16.98
CA LYS A 323 -14.83 -2.43 16.83
C LYS A 323 -14.67 -3.70 15.98
N ALA A 324 -13.97 -3.57 14.85
CA ALA A 324 -13.70 -4.64 13.88
C ALA A 324 -12.95 -5.83 14.50
N ARG A 325 -12.09 -5.57 15.52
CA ARG A 325 -11.35 -6.62 16.22
C ARG A 325 -12.30 -7.51 17.03
N GLY A 326 -13.31 -6.90 17.64
CA GLY A 326 -14.31 -7.59 18.45
C GLY A 326 -15.31 -8.40 17.65
C1 6PV B . 4.70 -0.82 9.91
C2 6PV B . 5.55 0.93 8.73
C3 6PV B . 4.24 1.46 8.55
O1 6PV B . 4.26 6.10 4.05
O2 6PV B . 0.80 4.33 1.95
O3 6PV B . 6.63 1.56 8.16
C11 6PV B . 1.80 6.33 2.66
C12 6PV B . 1.04 5.47 1.63
C13 6PV B . -0.09 5.28 -0.55
C14 6PV B . -0.60 3.95 -0.44
C15 6PV B . -1.28 3.29 -1.50
C16 6PV B . -1.42 4.00 -2.72
C17 6PV B . -0.92 5.32 -2.85
C18 6PV B . -0.26 5.96 -1.77
C19 6PV B . 3.22 0.68 9.14
C20 6PV B . 7.96 1.03 8.26
C21 6PV B . 8.58 1.10 6.87
C22 6PV B . 10.10 0.83 6.93
C23 6PV B . 10.68 0.95 5.50
C24 6PV B . 8.58 0.17 4.49
C25 6PV B . 7.91 0.11 5.88
C26 6PV B . 6.18 -2.78 10.42
C27 6PV B . 7.05 -2.72 9.29
C28 6PV B . 8.23 -3.49 9.24
C29 6PV B . 8.53 -4.33 10.34
C30 6PV B . 7.68 -4.40 11.49
N1 6PV B . 3.45 -0.46 9.82
N2 6PV B . 5.75 -0.20 9.41
C4 6PV B . 3.95 2.55 7.62
C5 6PV B . 4.89 3.55 7.29
C6 6PV B . 4.67 4.50 6.28
C7 6PV B . 3.49 4.42 5.50
C8 6PV B . 2.55 3.42 5.80
C9 6PV B . 2.79 2.46 6.80
C10 6PV B . 3.31 5.40 4.40
N3 6PV B . 2.13 5.48 3.79
N4 6PV B . 0.63 5.99 0.48
N5 6PV B . 10.02 -0.02 4.62
N6 6PV B . 5.01 -2.01 10.52
O4 6PV B . 7.94 -5.21 12.55
C31 6PV B . 6.97 -5.54 13.54
C32 6PV B . 6.49 -3.61 11.51
#